data_6T9Q
#
_entry.id   6T9Q
#
_cell.length_a   55.407
_cell.length_b   55.407
_cell.length_c   41.659
_cell.angle_alpha   90.000
_cell.angle_beta   90.000
_cell.angle_gamma   120.000
#
_symmetry.space_group_name_H-M   'P 65'
#
loop_
_entity.id
_entity.type
_entity.pdbx_description
1 polymer 'Protein timeless homolog'
2 water water
#
_entity_poly.entity_id   1
_entity_poly.type   'polypeptide(L)'
_entity_poly.pdbx_seq_one_letter_code
;DPGTHIVLWTGDQELELQRLFEEFRDSDDVLGHIMKNITAKRSRARIVDKLLALGLVAERRELYKKR
;
_entity_poly.pdbx_strand_id   A
#
# COMPACT_ATOMS: atom_id res chain seq x y z
N HIS A 5 1.42 -14.30 -7.85
CA HIS A 5 1.92 -13.09 -7.19
C HIS A 5 3.45 -13.02 -7.08
N ILE A 6 3.93 -11.80 -6.84
CA ILE A 6 5.29 -11.54 -6.35
C ILE A 6 5.18 -10.94 -4.97
N VAL A 7 6.29 -11.02 -4.23
CA VAL A 7 6.31 -10.57 -2.85
C VAL A 7 7.43 -9.59 -2.50
N LEU A 8 8.41 -9.39 -3.38
CA LEU A 8 9.45 -8.40 -3.15
C LEU A 8 9.08 -7.12 -3.88
N TRP A 9 9.77 -6.04 -3.52
CA TRP A 9 9.53 -4.71 -4.07
C TRP A 9 10.85 -4.11 -4.51
N THR A 10 10.91 -3.74 -5.79
CA THR A 10 12.05 -2.98 -6.28
C THR A 10 11.97 -1.56 -5.72
N GLY A 11 13.07 -0.81 -5.84
CA GLY A 11 13.04 0.56 -5.39
C GLY A 11 11.92 1.36 -6.03
N ASP A 12 11.74 1.21 -7.34
CA ASP A 12 10.68 1.96 -8.00
C ASP A 12 9.30 1.49 -7.57
N GLN A 13 9.12 0.18 -7.37
CA GLN A 13 7.84 -0.32 -6.89
C GLN A 13 7.51 0.25 -5.50
N GLU A 14 8.52 0.41 -4.64
CA GLU A 14 8.28 1.00 -3.32
C GLU A 14 7.86 2.46 -3.43
N LEU A 15 8.49 3.22 -4.32
CA LEU A 15 8.14 4.61 -4.47
C LEU A 15 6.74 4.76 -5.04
N GLU A 16 6.38 3.89 -5.99
CA GLU A 16 5.02 3.88 -6.50
C GLU A 16 4.00 3.58 -5.40
N LEU A 17 4.26 2.56 -4.58
CA LEU A 17 3.39 2.25 -3.46
C LEU A 17 3.18 3.49 -2.60
N GLN A 18 4.26 4.19 -2.28
CA GLN A 18 4.17 5.37 -1.43
C GLN A 18 3.33 6.46 -2.08
N ARG A 19 3.55 6.75 -3.36
N ARG A 19 3.54 6.74 -3.37
CA ARG A 19 2.75 7.78 -4.03
CA ARG A 19 2.76 7.77 -4.04
C ARG A 19 1.27 7.43 -4.02
C ARG A 19 1.27 7.43 -4.02
N LEU A 20 0.93 6.16 -4.26
CA LEU A 20 -0.48 5.76 -4.28
C LEU A 20 -1.07 5.80 -2.88
N PHE A 21 -0.33 5.32 -1.88
CA PHE A 21 -0.81 5.40 -0.52
C PHE A 21 -1.07 6.85 -0.12
N GLU A 22 -0.13 7.74 -0.43
CA GLU A 22 -0.29 9.14 -0.04
C GLU A 22 -1.56 9.73 -0.68
N GLU A 23 -1.87 9.32 -1.91
CA GLU A 23 -3.07 9.81 -2.59
C GLU A 23 -4.36 9.24 -2.00
N PHE A 24 -4.37 7.95 -1.65
CA PHE A 24 -5.61 7.25 -1.37
C PHE A 24 -5.90 7.00 0.09
N ARG A 25 -5.01 7.45 0.98
CA ARG A 25 -5.13 7.11 2.39
C ARG A 25 -6.41 7.60 3.06
N ASP A 26 -7.06 8.65 2.54
CA ASP A 26 -8.30 9.15 3.15
C ASP A 26 -9.55 8.57 2.50
N SER A 27 -9.39 7.70 1.52
CA SER A 27 -10.54 7.05 0.92
C SER A 27 -11.07 5.94 1.84
N ASP A 28 -12.20 5.36 1.45
CA ASP A 28 -12.76 4.24 2.20
C ASP A 28 -12.12 2.90 1.86
N ASP A 29 -11.24 2.85 0.87
CA ASP A 29 -10.67 1.58 0.41
C ASP A 29 -9.27 1.85 -0.13
N VAL A 30 -8.40 2.28 0.77
CA VAL A 30 -7.03 2.62 0.35
C VAL A 30 -6.35 1.48 -0.37
N LEU A 31 -6.49 0.24 0.14
CA LEU A 31 -5.81 -0.88 -0.51
C LEU A 31 -6.40 -1.16 -1.88
N GLY A 32 -7.72 -1.03 -2.00
CA GLY A 32 -8.35 -1.28 -3.29
C GLY A 32 -7.89 -0.31 -4.35
N HIS A 33 -7.77 0.97 -3.99
CA HIS A 33 -7.28 1.97 -4.95
C HIS A 33 -5.81 1.72 -5.27
N ILE A 34 -5.01 1.34 -4.29
CA ILE A 34 -3.61 1.00 -4.57
C ILE A 34 -3.55 -0.16 -5.56
N MET A 35 -4.25 -1.24 -5.26
CA MET A 35 -4.16 -2.44 -6.08
C MET A 35 -4.63 -2.21 -7.50
N LYS A 36 -5.62 -1.35 -7.69
CA LYS A 36 -6.11 -1.02 -9.03
C LYS A 36 -5.05 -0.32 -9.85
N ASN A 37 -4.07 0.32 -9.21
CA ASN A 37 -3.11 1.20 -9.89
C ASN A 37 -1.69 0.67 -9.90
N ILE A 38 -1.45 -0.56 -9.50
CA ILE A 38 -0.14 -1.19 -9.72
C ILE A 38 -0.29 -2.32 -10.72
N THR A 39 0.78 -2.53 -11.51
CA THR A 39 0.75 -3.56 -12.54
C THR A 39 1.08 -4.94 -11.98
N ALA A 40 1.99 -5.04 -11.02
CA ALA A 40 2.35 -6.34 -10.47
C ALA A 40 1.14 -6.93 -9.77
N LYS A 41 1.07 -8.25 -9.76
CA LYS A 41 0.02 -8.96 -9.06
C LYS A 41 0.50 -9.28 -7.65
N ARG A 42 -0.28 -8.85 -6.66
CA ARG A 42 0.09 -8.93 -5.26
C ARG A 42 -1.15 -9.17 -4.44
N SER A 43 -0.99 -9.79 -3.29
CA SER A 43 -2.13 -9.94 -2.40
C SER A 43 -2.30 -8.70 -1.53
N ARG A 44 -3.56 -8.42 -1.16
CA ARG A 44 -3.86 -7.32 -0.25
C ARG A 44 -3.07 -7.44 1.04
N ALA A 45 -3.01 -8.65 1.61
CA ALA A 45 -2.38 -8.81 2.90
C ALA A 45 -0.88 -8.50 2.84
N ARG A 46 -0.22 -8.87 1.74
CA ARG A 46 1.19 -8.56 1.60
C ARG A 46 1.43 -7.06 1.40
N ILE A 47 0.54 -6.38 0.69
CA ILE A 47 0.68 -4.93 0.54
C ILE A 47 0.52 -4.24 1.88
N VAL A 48 -0.48 -4.65 2.67
CA VAL A 48 -0.64 -4.11 4.02
C VAL A 48 0.65 -4.29 4.81
N ASP A 49 1.21 -5.50 4.76
CA ASP A 49 2.44 -5.75 5.51
C ASP A 49 3.59 -4.89 5.02
N LYS A 50 3.67 -4.58 3.73
CA LYS A 50 4.73 -3.72 3.22
C LYS A 50 4.54 -2.28 3.68
N LEU A 51 3.31 -1.78 3.71
CA LEU A 51 3.07 -0.44 4.22
C LEU A 51 3.51 -0.34 5.67
N LEU A 52 3.26 -1.39 6.45
CA LEU A 52 3.74 -1.45 7.83
C LEU A 52 5.27 -1.54 7.90
N ALA A 53 5.88 -2.39 7.06
CA ALA A 53 7.34 -2.55 7.12
C ALA A 53 8.06 -1.27 6.76
N LEU A 54 7.51 -0.49 5.83
CA LEU A 54 8.09 0.80 5.45
C LEU A 54 7.82 1.88 6.48
N GLY A 55 6.93 1.65 7.44
CA GLY A 55 6.61 2.70 8.38
C GLY A 55 5.68 3.76 7.85
N LEU A 56 4.98 3.50 6.75
CA LEU A 56 4.03 4.47 6.23
C LEU A 56 2.80 4.52 7.11
N VAL A 57 2.50 3.44 7.82
CA VAL A 57 1.61 3.42 8.97
C VAL A 57 2.34 2.70 10.09
N ALA A 58 2.02 3.04 11.34
CA ALA A 58 2.68 2.43 12.49
C ALA A 58 2.02 1.14 12.93
N GLU A 59 0.74 0.94 12.60
CA GLU A 59 -0.02 -0.24 13.00
C GLU A 59 -1.24 -0.30 12.13
N ARG A 60 -1.89 -1.46 12.09
CA ARG A 60 -2.94 -1.72 11.11
C ARG A 60 -4.10 -0.73 11.20
N ARG A 61 -4.53 -0.35 12.41
CA ARG A 61 -5.72 0.47 12.53
C ARG A 61 -5.55 1.83 11.87
N GLU A 62 -4.32 2.29 11.70
CA GLU A 62 -4.09 3.57 11.02
C GLU A 62 -4.47 3.55 9.56
N LEU A 63 -4.68 2.37 8.98
CA LEU A 63 -5.13 2.27 7.59
C LEU A 63 -6.58 2.66 7.43
N TYR A 64 -7.33 2.77 8.53
CA TYR A 64 -8.73 3.20 8.46
C TYR A 64 -9.01 4.09 9.67
N LYS A 65 -8.72 5.36 9.55
CA LYS A 65 -8.94 6.27 10.65
C LYS A 65 -10.40 6.73 10.66
N LYS A 66 -10.85 7.16 11.84
CA LYS A 66 -12.20 7.69 11.99
C LYS A 66 -12.55 8.67 10.90
#